data_7T3Z
#
_entry.id   7T3Z
#
_cell.length_a   49.656
_cell.length_b   106.134
_cell.length_c   58.703
_cell.angle_alpha   90.00
_cell.angle_beta   108.88
_cell.angle_gamma   90.00
#
_symmetry.space_group_name_H-M   'P 1 21 1'
#
loop_
_entity.id
_entity.type
_entity.pdbx_description
1 polymer '3C-like proteinase'
2 non-polymer '(1S,2S)-1-hydroxy-3-[(3S)-2-oxopyrrolidin-3-yl]-2-{[N-({[7-(phenylacetyl)-7-azaspiro[3.5]nonan-2-yl]oxy}carbonyl)-L-leucyl]amino}propane-1-sulfonic acid'
3 non-polymer '(1R,2S)-2-{[N-({[(2r,4R)-7-acetyl-7-azaspiro[3.5]non-5-en-2-yl]oxy}carbonyl)-L-leucyl]amino}-1-hydroxy-3-[(3S)-2-oxopyrrolidin-3-yl]propane-1-sulfonic acid'
4 water water
#
_entity_poly.entity_id   1
_entity_poly.type   'polypeptide(L)'
_entity_poly.pdbx_seq_one_letter_code
;MHHHHHHSGLVKMSHPSGDVEACMVQVTCGSMTLNGLWLDNTVWCPRHVMCPADQLSDPNYDALLISMTNHSFSVQKHIG
APANLRVVGHAMQGTLLKLTVDVANPSTPAYTFTTVKPGAAFSVLACYNGRPTGTFTVVMRPNYTIKGSFLCGSCGSVGY
TKEGSVINFCYMHQMELANGTHTGSAFDGTMYGAFMDKQVHQVQLTDKYCSVNVVAWLYAAILNGCAWFVKPNRTSVVSF
NEWALANQFTEFVGTQSVDMLAVKTGVAIEQLLYAIQQLYTGFQGKQILGSTMLEDEFTPEDVNMQIMGVVMQ
;
_entity_poly.pdbx_strand_id   A,B
#
# COMPACT_ATOMS: atom_id res chain seq x y z
N HIS A 6 -18.40 -6.94 -32.61
CA HIS A 6 -19.63 -6.90 -31.75
C HIS A 6 -19.30 -7.29 -30.30
N HIS A 7 -18.96 -8.57 -30.06
CA HIS A 7 -18.29 -8.93 -28.81
C HIS A 7 -16.85 -8.42 -28.84
N SER A 8 -16.42 -7.82 -27.73
CA SER A 8 -15.14 -7.13 -27.65
C SER A 8 -13.95 -8.06 -27.64
N GLY A 9 -14.15 -9.33 -27.34
CA GLY A 9 -13.04 -10.19 -27.08
C GLY A 9 -12.48 -10.11 -25.67
N LEU A 10 -13.10 -9.34 -24.77
CA LEU A 10 -12.68 -9.21 -23.38
C LEU A 10 -13.48 -10.15 -22.50
N VAL A 11 -12.80 -10.84 -21.59
CA VAL A 11 -13.42 -11.63 -20.54
C VAL A 11 -12.67 -11.36 -19.24
N LYS A 12 -13.31 -11.71 -18.13
CA LYS A 12 -12.62 -11.66 -16.84
C LYS A 12 -11.69 -12.86 -16.83
N MET A 13 -10.40 -12.60 -17.02
CA MET A 13 -9.40 -13.65 -17.22
C MET A 13 -8.53 -13.75 -15.98
N SER A 14 -8.53 -14.92 -15.34
CA SER A 14 -7.68 -15.23 -14.21
C SER A 14 -6.44 -15.99 -14.70
N HIS A 15 -5.41 -16.03 -13.87
CA HIS A 15 -4.29 -16.93 -14.12
C HIS A 15 -4.73 -18.39 -13.93
N PRO A 16 -4.11 -19.33 -14.63
CA PRO A 16 -4.30 -20.74 -14.25
C PRO A 16 -3.92 -20.91 -12.78
N SER A 17 -4.73 -21.66 -12.04
CA SER A 17 -4.63 -21.64 -10.58
C SER A 17 -3.81 -22.80 -9.99
N GLY A 18 -3.32 -23.72 -10.82
CA GLY A 18 -2.73 -24.95 -10.30
C GLY A 18 -1.57 -24.73 -9.36
N ASP A 19 -0.68 -23.79 -9.69
CA ASP A 19 0.47 -23.53 -8.84
C ASP A 19 0.02 -23.11 -7.44
N VAL A 20 -1.04 -22.31 -7.35
CA VAL A 20 -1.49 -21.85 -6.05
C VAL A 20 -2.31 -22.91 -5.31
N GLU A 21 -3.17 -23.64 -6.01
CA GLU A 21 -3.90 -24.77 -5.43
C GLU A 21 -3.01 -25.66 -4.58
N ALA A 22 -1.80 -25.93 -5.09
CA ALA A 22 -0.86 -26.80 -4.39
C ALA A 22 -0.30 -26.19 -3.12
N CYS A 23 -0.60 -24.93 -2.84
CA CYS A 23 -0.14 -24.28 -1.61
C CYS A 23 -1.23 -24.06 -0.57
N MET A 24 -2.48 -24.44 -0.86
CA MET A 24 -3.55 -24.19 0.08
C MET A 24 -3.67 -25.31 1.11
N VAL A 25 -3.93 -24.92 2.37
CA VAL A 25 -4.12 -25.85 3.48
C VAL A 25 -5.29 -25.34 4.31
N GLN A 26 -5.80 -26.23 5.16
CA GLN A 26 -6.79 -25.86 6.15
C GLN A 26 -6.07 -25.58 7.46
N VAL A 27 -6.50 -24.52 8.14
CA VAL A 27 -5.95 -24.14 9.45
C VAL A 27 -7.10 -24.05 10.45
N THR A 28 -6.97 -24.81 11.55
CA THR A 28 -8.00 -24.87 12.58
C THR A 28 -7.34 -24.52 13.91
N CYS A 29 -8.02 -23.69 14.68
CA CYS A 29 -7.58 -23.31 16.02
C CYS A 29 -8.82 -23.37 16.90
N GLY A 30 -8.83 -24.33 17.83
CA GLY A 30 -10.03 -24.56 18.61
C GLY A 30 -11.21 -24.88 17.73
N SER A 31 -12.21 -23.99 17.74
CA SER A 31 -13.44 -24.17 16.99
C SER A 31 -13.49 -23.37 15.71
N MET A 32 -12.47 -22.58 15.42
CA MET A 32 -12.43 -21.76 14.22
C MET A 32 -11.62 -22.50 13.15
N THR A 33 -12.09 -22.43 11.91
CA THR A 33 -11.36 -23.01 10.79
C THR A 33 -11.39 -22.06 9.60
N LEU A 34 -10.29 -22.02 8.88
CA LEU A 34 -10.20 -21.23 7.67
C LEU A 34 -9.04 -21.80 6.85
N ASN A 35 -8.63 -21.06 5.84
CA ASN A 35 -7.59 -21.49 4.91
C ASN A 35 -6.27 -20.81 5.21
N GLY A 36 -5.18 -21.49 4.80
CA GLY A 36 -3.86 -20.93 4.91
C GLY A 36 -3.07 -21.16 3.64
N LEU A 37 -1.94 -20.49 3.56
CA LEU A 37 -1.05 -20.55 2.41
C LEU A 37 0.30 -21.11 2.85
N TRP A 38 0.67 -22.26 2.27
CA TRP A 38 1.84 -23.02 2.67
C TRP A 38 2.95 -22.82 1.65
N LEU A 39 4.01 -22.15 2.08
CA LEU A 39 5.19 -21.81 1.27
C LEU A 39 6.42 -22.18 2.08
N ASP A 40 7.29 -23.03 1.52
CA ASP A 40 8.47 -23.54 2.23
C ASP A 40 7.97 -24.10 3.56
N ASN A 41 8.53 -23.70 4.72
CA ASN A 41 8.13 -24.22 6.03
C ASN A 41 7.18 -23.27 6.77
N THR A 42 6.54 -22.37 6.05
CA THR A 42 5.67 -21.36 6.64
C THR A 42 4.25 -21.53 6.15
N VAL A 43 3.28 -21.43 7.06
CA VAL A 43 1.86 -21.31 6.69
C VAL A 43 1.36 -19.94 7.17
N TRP A 44 0.86 -19.13 6.23
CA TRP A 44 0.23 -17.85 6.50
C TRP A 44 -1.28 -18.02 6.61
N CYS A 45 -1.88 -17.40 7.60
CA CYS A 45 -3.33 -17.40 7.71
C CYS A 45 -3.78 -16.17 8.48
N PRO A 46 -5.06 -15.82 8.38
CA PRO A 46 -5.59 -14.70 9.17
C PRO A 46 -5.54 -15.01 10.66
N ARG A 47 -5.21 -13.98 11.44
CA ARG A 47 -5.02 -14.20 12.87
C ARG A 47 -6.35 -14.40 13.59
N HIS A 48 -7.48 -14.01 12.98
CA HIS A 48 -8.74 -14.21 13.70
C HIS A 48 -9.13 -15.67 13.78
N VAL A 49 -8.35 -16.59 13.20
CA VAL A 49 -8.56 -17.98 13.49
C VAL A 49 -8.35 -18.26 14.97
N MET A 50 -7.59 -17.42 15.66
CA MET A 50 -7.38 -17.63 17.08
C MET A 50 -8.55 -17.16 17.94
N CYS A 51 -9.53 -16.50 17.36
CA CYS A 51 -10.50 -15.76 18.16
C CYS A 51 -11.82 -16.54 18.28
N PRO A 52 -12.32 -16.77 19.50
CA PRO A 52 -13.63 -17.44 19.63
C PRO A 52 -14.72 -16.58 19.01
N ALA A 53 -15.70 -17.25 18.39
CA ALA A 53 -16.79 -16.54 17.70
C ALA A 53 -17.40 -15.43 18.55
N ASP A 54 -17.65 -15.71 19.83
CA ASP A 54 -18.29 -14.75 20.71
C ASP A 54 -17.41 -13.54 21.03
N GLN A 55 -16.20 -13.43 20.47
CA GLN A 55 -15.31 -12.33 20.80
C GLN A 55 -14.77 -11.60 19.58
N LEU A 56 -15.25 -11.97 18.38
CA LEU A 56 -14.74 -11.42 17.14
C LEU A 56 -14.91 -9.90 17.03
N SER A 57 -15.80 -9.31 17.83
CA SER A 57 -16.11 -7.89 17.70
C SER A 57 -15.09 -6.99 18.37
N ASP A 58 -14.32 -7.50 19.33
CA ASP A 58 -13.26 -6.72 19.96
C ASP A 58 -12.20 -7.67 20.51
N PRO A 59 -11.46 -8.35 19.63
CA PRO A 59 -10.49 -9.33 20.13
C PRO A 59 -9.20 -8.71 20.64
N ASN A 60 -8.57 -9.42 21.57
CA ASN A 60 -7.27 -9.04 22.09
C ASN A 60 -6.27 -10.02 21.50
N TYR A 61 -5.85 -9.73 20.27
CA TYR A 61 -4.99 -10.67 19.57
C TYR A 61 -3.66 -10.88 20.29
N ASP A 62 -3.11 -9.86 20.95
CA ASP A 62 -1.79 -10.05 21.57
C ASP A 62 -1.88 -11.07 22.70
N ALA A 63 -2.95 -11.04 23.45
CA ALA A 63 -3.15 -12.02 24.51
C ALA A 63 -3.57 -13.38 23.96
N LEU A 64 -4.36 -13.42 22.88
CA LEU A 64 -4.66 -14.69 22.25
C LEU A 64 -3.38 -15.37 21.81
N LEU A 65 -2.53 -14.63 21.11
CA LEU A 65 -1.25 -15.17 20.65
C LEU A 65 -0.45 -15.71 21.83
N ILE A 66 -0.40 -14.98 22.93
CA ILE A 66 0.40 -15.46 24.07
C ILE A 66 -0.19 -16.75 24.61
N SER A 67 -1.51 -16.88 24.63
CA SER A 67 -2.16 -18.08 25.15
C SER A 67 -1.91 -19.29 24.27
N MET A 68 -1.63 -19.09 23.00
CA MET A 68 -1.52 -20.21 22.06
C MET A 68 -0.22 -20.97 22.29
N THR A 69 -0.27 -22.27 22.02
CA THR A 69 0.93 -23.05 21.80
C THR A 69 0.96 -23.54 20.36
N ASN A 70 2.07 -24.17 20.01
CA ASN A 70 2.16 -24.83 18.71
C ASN A 70 1.05 -25.86 18.53
N HIS A 71 0.63 -26.51 19.61
CA HIS A 71 -0.36 -27.56 19.51
C HIS A 71 -1.78 -27.01 19.39
N SER A 72 -1.92 -25.69 19.52
CA SER A 72 -3.20 -25.01 19.34
C SER A 72 -3.66 -24.98 17.89
N PHE A 73 -2.76 -25.23 16.96
CA PHE A 73 -3.00 -25.12 15.53
C PHE A 73 -2.95 -26.50 14.89
N SER A 74 -3.94 -26.78 14.06
CA SER A 74 -4.01 -27.98 13.25
C SER A 74 -3.97 -27.54 11.78
N VAL A 75 -3.00 -28.05 11.03
CA VAL A 75 -2.85 -27.69 9.63
C VAL A 75 -2.88 -28.97 8.80
N GLN A 76 -3.78 -29.01 7.82
CA GLN A 76 -3.91 -30.14 6.92
C GLN A 76 -3.80 -29.69 5.47
N LYS A 77 -3.05 -30.45 4.69
CA LYS A 77 -3.12 -30.42 3.23
C LYS A 77 -4.09 -31.51 2.80
N HIS A 78 -5.16 -31.12 2.12
CA HIS A 78 -6.23 -32.03 1.70
C HIS A 78 -6.10 -32.48 0.25
N ILE A 79 -5.73 -31.57 -0.66
CA ILE A 79 -5.73 -31.90 -2.08
C ILE A 79 -4.38 -32.51 -2.44
N GLY A 80 -4.41 -33.37 -3.45
CA GLY A 80 -3.18 -34.03 -3.87
C GLY A 80 -2.82 -35.11 -2.89
N ALA A 81 -1.53 -35.17 -2.53
CA ALA A 81 -1.02 -36.03 -1.46
C ALA A 81 -1.39 -35.46 -0.09
N PRO A 82 -2.46 -35.94 0.55
CA PRO A 82 -2.89 -35.31 1.81
C PRO A 82 -1.81 -35.39 2.87
N ALA A 83 -1.82 -34.41 3.78
CA ALA A 83 -0.84 -34.34 4.88
C ALA A 83 -1.41 -33.59 6.08
N ASN A 84 -1.00 -34.04 7.27
CA ASN A 84 -1.20 -33.31 8.52
C ASN A 84 0.13 -32.66 8.86
N LEU A 85 0.14 -31.34 9.01
CA LEU A 85 1.38 -30.61 9.18
C LEU A 85 1.52 -30.17 10.63
N ARG A 86 2.61 -30.59 11.26
CA ARG A 86 2.91 -30.21 12.64
C ARG A 86 3.49 -28.81 12.71
N VAL A 87 2.88 -27.99 13.55
CA VAL A 87 3.34 -26.62 13.78
C VAL A 87 4.48 -26.66 14.80
N VAL A 88 5.60 -26.02 14.45
CA VAL A 88 6.79 -25.98 15.29
C VAL A 88 7.18 -24.57 15.70
N GLY A 89 6.41 -23.56 15.33
CA GLY A 89 6.62 -22.21 15.77
C GLY A 89 5.46 -21.33 15.34
N HIS A 90 5.16 -20.30 16.10
CA HIS A 90 4.08 -19.44 15.67
C HIS A 90 4.45 -18.00 16.01
N ALA A 91 4.03 -17.09 15.12
CA ALA A 91 4.30 -15.67 15.24
C ALA A 91 3.13 -14.92 14.61
N MET A 92 2.98 -13.68 14.99
CA MET A 92 1.96 -12.81 14.41
C MET A 92 2.66 -11.67 13.71
N GLN A 93 2.16 -11.32 12.53
CA GLN A 93 2.63 -10.13 11.81
C GLN A 93 1.40 -9.38 11.32
N GLY A 94 1.12 -8.24 11.97
CA GLY A 94 -0.05 -7.45 11.63
C GLY A 94 -1.30 -8.25 11.84
N THR A 95 -2.04 -8.46 10.75
CA THR A 95 -3.32 -9.18 10.79
C THR A 95 -3.18 -10.64 10.38
N LEU A 96 -1.96 -11.15 10.27
CA LEU A 96 -1.70 -12.51 9.86
C LEU A 96 -0.87 -13.25 10.90
N LEU A 97 -1.09 -14.56 10.96
CA LEU A 97 -0.19 -15.47 11.63
C LEU A 97 0.80 -16.07 10.65
N LYS A 98 2.02 -16.22 11.11
CA LYS A 98 3.05 -16.96 10.40
C LYS A 98 3.31 -18.22 11.25
N LEU A 99 2.82 -19.36 10.77
CA LEU A 99 3.01 -20.64 11.44
C LEU A 99 4.18 -21.36 10.81
N THR A 100 5.15 -21.75 11.62
CA THR A 100 6.22 -22.58 11.07
C THR A 100 5.82 -24.04 11.20
N VAL A 101 5.96 -24.80 10.10
CA VAL A 101 5.58 -26.21 10.11
C VAL A 101 6.82 -27.06 9.80
N ASP A 102 6.71 -28.34 10.17
CA ASP A 102 7.86 -29.23 10.12
C ASP A 102 8.17 -29.75 8.72
N VAL A 103 7.27 -29.58 7.76
CA VAL A 103 7.48 -30.00 6.38
C VAL A 103 7.52 -28.76 5.49
N ALA A 104 8.52 -28.69 4.61
CA ALA A 104 8.52 -27.69 3.56
C ALA A 104 7.62 -28.13 2.40
N ASN A 105 6.81 -27.19 1.90
CA ASN A 105 5.91 -27.50 0.80
C ASN A 105 6.73 -27.91 -0.41
N PRO A 106 6.63 -29.17 -0.85
CA PRO A 106 7.45 -29.58 -1.99
C PRO A 106 6.98 -28.98 -3.31
N SER A 107 5.83 -28.32 -3.34
CA SER A 107 5.35 -27.65 -4.53
C SER A 107 5.45 -26.13 -4.42
N THR A 108 6.34 -25.64 -3.57
CA THR A 108 6.47 -24.20 -3.40
C THR A 108 6.86 -23.61 -4.74
N PRO A 109 6.06 -22.72 -5.33
CA PRO A 109 6.49 -22.07 -6.56
C PRO A 109 7.53 -20.99 -6.25
N ALA A 110 8.13 -20.48 -7.30
CA ALA A 110 8.83 -19.21 -7.20
C ALA A 110 7.82 -18.12 -6.87
N TYR A 111 8.10 -17.31 -5.86
CA TYR A 111 7.10 -16.35 -5.44
C TYR A 111 7.75 -15.11 -4.84
N THR A 112 6.95 -14.04 -4.80
CA THR A 112 7.23 -12.87 -3.98
C THR A 112 5.97 -12.47 -3.23
N PHE A 113 6.12 -11.53 -2.31
CA PHE A 113 4.99 -10.80 -1.75
C PHE A 113 5.02 -9.37 -2.29
N THR A 114 3.87 -8.90 -2.75
CA THR A 114 3.75 -7.53 -3.23
C THR A 114 2.41 -6.97 -2.79
N THR A 115 2.29 -5.66 -2.79
CA THR A 115 1.00 -5.01 -2.60
C THR A 115 0.42 -4.54 -3.93
N VAL A 116 -0.88 -4.69 -4.09
CA VAL A 116 -1.56 -4.35 -5.32
C VAL A 116 -2.16 -2.96 -5.14
N LYS A 117 -2.21 -2.21 -6.24
CA LYS A 117 -2.68 -0.84 -6.16
C LYS A 117 -4.07 -0.69 -6.74
N PRO A 118 -4.80 0.35 -6.34
CA PRO A 118 -6.12 0.60 -6.91
C PRO A 118 -6.10 0.59 -8.43
N GLY A 119 -7.11 -0.05 -9.01
CA GLY A 119 -7.19 -0.18 -10.43
C GLY A 119 -6.48 -1.39 -10.98
N ALA A 120 -5.53 -1.98 -10.24
CA ALA A 120 -4.81 -3.13 -10.76
C ALA A 120 -5.59 -4.43 -10.51
N ALA A 121 -5.49 -5.36 -11.46
CA ALA A 121 -6.21 -6.62 -11.41
C ALA A 121 -5.36 -7.72 -10.77
N PHE A 122 -6.03 -8.65 -10.11
CA PHE A 122 -5.36 -9.83 -9.59
C PHE A 122 -6.35 -11.01 -9.56
N SER A 123 -5.78 -12.22 -9.50
CA SER A 123 -6.53 -13.46 -9.49
C SER A 123 -6.74 -13.91 -8.07
N VAL A 124 -7.92 -14.43 -7.78
CA VAL A 124 -8.24 -14.97 -6.47
C VAL A 124 -8.59 -16.43 -6.62
N LEU A 125 -8.06 -17.24 -5.70
CA LEU A 125 -8.46 -18.63 -5.55
C LEU A 125 -9.30 -18.75 -4.28
N ALA A 126 -10.61 -18.90 -4.46
CA ALA A 126 -11.53 -19.04 -3.34
C ALA A 126 -11.45 -20.46 -2.80
N CYS A 127 -11.25 -20.58 -1.49
CA CYS A 127 -11.09 -21.83 -0.78
C CYS A 127 -12.00 -21.90 0.43
N TYR A 128 -12.41 -23.11 0.75
CA TYR A 128 -13.23 -23.45 1.92
C TYR A 128 -12.66 -24.76 2.46
N ASN A 129 -12.37 -24.80 3.78
CA ASN A 129 -11.83 -25.99 4.45
C ASN A 129 -10.56 -26.49 3.77
N GLY A 130 -9.73 -25.55 3.30
CA GLY A 130 -8.49 -25.87 2.61
C GLY A 130 -8.66 -26.43 1.21
N ARG A 131 -9.87 -26.47 0.68
CA ARG A 131 -10.09 -27.02 -0.64
C ARG A 131 -10.39 -25.89 -1.64
N PRO A 132 -9.62 -25.74 -2.71
CA PRO A 132 -9.95 -24.71 -3.70
C PRO A 132 -11.31 -24.99 -4.33
N THR A 133 -12.10 -23.96 -4.46
CA THR A 133 -13.45 -24.12 -4.98
C THR A 133 -13.73 -23.29 -6.21
N GLY A 134 -13.04 -22.18 -6.40
CA GLY A 134 -13.29 -21.36 -7.57
C GLY A 134 -12.19 -20.36 -7.77
N THR A 135 -12.13 -19.82 -8.97
CA THR A 135 -11.18 -18.75 -9.23
C THR A 135 -11.86 -17.65 -10.04
N PHE A 136 -11.46 -16.41 -9.75
CA PHE A 136 -12.05 -15.25 -10.39
C PHE A 136 -11.04 -14.10 -10.30
N THR A 137 -11.29 -13.04 -11.06
CA THR A 137 -10.38 -11.91 -11.07
C THR A 137 -11.11 -10.66 -10.63
N VAL A 138 -10.42 -9.79 -9.90
CA VAL A 138 -10.97 -8.53 -9.44
C VAL A 138 -9.93 -7.43 -9.66
N VAL A 139 -10.38 -6.17 -9.68
CA VAL A 139 -9.47 -5.04 -9.59
C VAL A 139 -9.60 -4.44 -8.18
N MET A 140 -8.48 -4.03 -7.62
CA MET A 140 -8.51 -3.34 -6.33
C MET A 140 -9.23 -2.00 -6.51
N ARG A 141 -10.30 -1.79 -5.75
CA ARG A 141 -11.04 -0.53 -5.89
C ARG A 141 -10.25 0.62 -5.28
N PRO A 142 -10.51 1.86 -5.72
CA PRO A 142 -9.90 3.02 -5.07
C PRO A 142 -10.19 3.12 -3.59
N ASN A 143 -11.23 2.47 -3.06
CA ASN A 143 -11.45 2.48 -1.63
C ASN A 143 -10.92 1.21 -0.93
N TYR A 144 -10.00 0.49 -1.58
CA TYR A 144 -9.29 -0.68 -1.01
C TYR A 144 -10.23 -1.82 -0.62
N THR A 145 -11.31 -1.96 -1.36
CA THR A 145 -12.18 -3.11 -1.32
C THR A 145 -12.11 -3.82 -2.68
N ILE A 146 -12.72 -5.01 -2.76
CA ILE A 146 -12.83 -5.71 -4.03
C ILE A 146 -14.26 -6.22 -4.10
N LYS A 147 -14.74 -6.36 -5.33
CA LYS A 147 -16.09 -6.85 -5.60
C LYS A 147 -15.96 -8.35 -5.89
N GLY A 148 -15.88 -9.12 -4.81
CA GLY A 148 -15.60 -10.52 -4.89
C GLY A 148 -16.81 -11.38 -4.59
N SER A 149 -16.56 -12.63 -4.26
CA SER A 149 -17.60 -13.60 -4.02
C SER A 149 -17.00 -14.50 -2.94
N PHE A 150 -17.32 -14.21 -1.67
CA PHE A 150 -16.74 -14.92 -0.54
C PHE A 150 -17.81 -15.19 0.50
N LEU A 151 -17.82 -16.39 1.07
CA LEU A 151 -18.80 -16.77 2.08
C LEU A 151 -18.07 -17.09 3.39
N CYS A 152 -18.85 -17.41 4.43
CA CYS A 152 -18.27 -17.95 5.67
C CYS A 152 -17.31 -19.10 5.36
N GLY A 153 -16.14 -19.06 5.97
CA GLY A 153 -15.14 -20.08 5.74
C GLY A 153 -14.14 -19.77 4.64
N SER A 154 -14.30 -18.66 3.92
CA SER A 154 -13.42 -18.31 2.80
C SER A 154 -12.18 -17.54 3.23
N CYS A 155 -12.09 -17.14 4.48
CA CYS A 155 -10.94 -16.35 4.91
C CYS A 155 -9.65 -17.15 4.75
N GLY A 156 -8.59 -16.46 4.34
CA GLY A 156 -7.38 -17.16 4.01
C GLY A 156 -7.25 -17.49 2.53
N SER A 157 -8.33 -17.39 1.77
CA SER A 157 -8.25 -17.38 0.30
C SER A 157 -7.27 -16.32 -0.15
N VAL A 158 -6.58 -16.59 -1.26
CA VAL A 158 -5.46 -15.75 -1.64
C VAL A 158 -5.71 -15.12 -3.00
N GLY A 159 -5.15 -13.91 -3.15
CA GLY A 159 -5.03 -13.25 -4.44
C GLY A 159 -3.58 -13.11 -4.86
N TYR A 160 -3.36 -13.07 -6.17
CA TYR A 160 -2.01 -13.08 -6.68
C TYR A 160 -1.98 -12.55 -8.12
N THR A 161 -0.82 -12.06 -8.49
CA THR A 161 -0.46 -11.85 -9.88
C THR A 161 0.65 -12.82 -10.24
N LYS A 162 0.98 -12.85 -11.53
CA LYS A 162 2.01 -13.76 -12.04
C LYS A 162 2.84 -12.98 -13.05
N GLU A 163 4.16 -12.99 -12.86
CA GLU A 163 5.13 -12.48 -13.85
C GLU A 163 6.00 -13.66 -14.25
N GLY A 164 5.89 -14.09 -15.50
CA GLY A 164 6.55 -15.32 -15.89
C GLY A 164 6.07 -16.45 -15.02
N SER A 165 7.03 -17.17 -14.43
CA SER A 165 6.79 -18.26 -13.49
C SER A 165 6.71 -17.81 -12.04
N VAL A 166 6.86 -16.53 -11.75
CA VAL A 166 6.90 -16.09 -10.37
C VAL A 166 5.49 -15.66 -9.97
N ILE A 167 4.99 -16.21 -8.87
CA ILE A 167 3.69 -15.82 -8.35
C ILE A 167 3.91 -14.70 -7.33
N ASN A 168 3.24 -13.56 -7.53
CA ASN A 168 3.33 -12.45 -6.60
C ASN A 168 2.04 -12.46 -5.78
N PHE A 169 2.13 -12.97 -4.56
CA PHE A 169 0.99 -12.96 -3.67
C PHE A 169 0.74 -11.55 -3.13
N CYS A 170 -0.50 -11.09 -3.26
CA CYS A 170 -0.84 -9.74 -2.85
C CYS A 170 -2.03 -9.64 -1.90
N TYR A 171 -2.78 -10.71 -1.66
CA TYR A 171 -4.05 -10.57 -0.95
C TYR A 171 -4.36 -11.85 -0.20
N MET A 172 -4.81 -11.70 1.05
CA MET A 172 -5.35 -12.79 1.84
C MET A 172 -6.67 -12.33 2.44
N HIS A 173 -7.74 -13.03 2.11
CA HIS A 173 -9.07 -12.58 2.41
C HIS A 173 -9.36 -12.56 3.93
N GLN A 174 -10.08 -11.51 4.40
CA GLN A 174 -10.41 -11.33 5.82
C GLN A 174 -11.89 -11.05 6.11
N MET A 175 -12.57 -10.26 5.30
CA MET A 175 -13.88 -9.78 5.74
C MET A 175 -14.72 -9.25 4.60
N GLU A 176 -16.02 -9.16 4.88
CA GLU A 176 -17.02 -8.62 3.98
C GLU A 176 -17.58 -7.39 4.66
N LEU A 177 -17.81 -6.35 3.88
CA LEU A 177 -18.25 -5.06 4.38
C LEU A 177 -19.76 -4.89 4.17
N ALA A 178 -20.27 -3.77 4.68
CA ALA A 178 -21.72 -3.55 4.70
C ALA A 178 -22.32 -3.56 3.29
N ASN A 179 -21.59 -3.03 2.32
CA ASN A 179 -22.14 -2.91 0.98
C ASN A 179 -21.86 -4.15 0.13
N GLY A 180 -21.46 -5.27 0.75
CA GLY A 180 -21.27 -6.52 0.03
C GLY A 180 -19.91 -6.72 -0.60
N THR A 181 -19.01 -5.74 -0.48
CA THR A 181 -17.66 -5.87 -1.00
C THR A 181 -16.76 -6.46 0.09
N HIS A 182 -15.51 -6.68 -0.28
CA HIS A 182 -14.61 -7.51 0.50
C HIS A 182 -13.26 -6.83 0.64
N THR A 183 -12.52 -7.19 1.71
CA THR A 183 -11.15 -6.72 1.83
C THR A 183 -10.36 -7.72 2.65
N GLY A 184 -9.06 -7.45 2.69
CA GLY A 184 -8.11 -8.38 3.27
C GLY A 184 -6.76 -7.73 3.52
N SER A 185 -5.76 -8.56 3.75
CA SER A 185 -4.40 -8.15 4.05
C SER A 185 -3.47 -8.36 2.86
N ALA A 186 -2.39 -7.57 2.84
CA ALA A 186 -1.18 -7.95 2.12
C ALA A 186 -0.36 -8.87 3.00
N PHE A 187 0.66 -9.50 2.41
CA PHE A 187 1.43 -10.46 3.19
C PHE A 187 2.48 -9.79 4.07
N ASP A 188 2.53 -8.47 4.12
CA ASP A 188 3.27 -7.80 5.17
C ASP A 188 2.42 -7.65 6.44
N GLY A 189 1.17 -8.16 6.42
CA GLY A 189 0.31 -8.11 7.57
C GLY A 189 -0.62 -6.91 7.63
N THR A 190 -0.43 -5.90 6.77
CA THR A 190 -1.35 -4.76 6.74
C THR A 190 -2.66 -5.10 6.08
N MET A 191 -3.76 -4.58 6.64
CA MET A 191 -5.03 -4.56 5.92
C MET A 191 -4.91 -3.53 4.82
N TYR A 192 -5.46 -3.84 3.67
CA TYR A 192 -5.63 -2.81 2.66
C TYR A 192 -6.50 -1.70 3.22
N GLY A 193 -6.16 -0.47 2.89
CA GLY A 193 -7.03 0.63 3.28
C GLY A 193 -6.91 0.89 4.77
N ALA A 194 -7.98 1.45 5.34
CA ALA A 194 -8.02 1.76 6.76
C ALA A 194 -8.73 0.68 7.57
N PHE A 195 -8.87 -0.53 7.03
CA PHE A 195 -9.73 -1.49 7.68
C PHE A 195 -8.99 -2.22 8.80
N MET A 196 -9.78 -2.74 9.74
CA MET A 196 -9.29 -3.48 10.89
C MET A 196 -9.99 -4.81 10.96
N ASP A 197 -9.25 -5.84 11.39
CA ASP A 197 -9.79 -7.20 11.39
C ASP A 197 -10.54 -7.47 12.70
N LYS A 198 -11.65 -6.75 12.86
CA LYS A 198 -12.55 -6.84 14.01
C LYS A 198 -13.96 -6.88 13.44
N GLN A 199 -14.85 -7.65 14.06
CA GLN A 199 -16.20 -7.75 13.52
C GLN A 199 -17.02 -6.59 14.06
N VAL A 200 -16.83 -5.44 13.41
CA VAL A 200 -17.55 -4.23 13.73
C VAL A 200 -17.74 -3.48 12.42
N HIS A 201 -18.84 -2.73 12.33
CA HIS A 201 -19.05 -1.86 11.18
C HIS A 201 -17.92 -0.84 11.12
N GLN A 202 -17.45 -0.59 9.91
CA GLN A 202 -16.36 0.35 9.71
C GLN A 202 -16.74 1.32 8.62
N VAL A 203 -16.30 2.57 8.78
CA VAL A 203 -16.49 3.54 7.73
C VAL A 203 -15.86 2.99 6.45
N GLN A 204 -16.61 3.04 5.37
CA GLN A 204 -16.06 2.72 4.07
C GLN A 204 -15.88 4.00 3.29
N LEU A 205 -14.72 4.16 2.67
CA LEU A 205 -14.47 5.33 1.85
C LEU A 205 -15.26 5.24 0.55
N THR A 206 -15.37 6.38 -0.11
CA THR A 206 -16.10 6.42 -1.36
C THR A 206 -15.36 5.62 -2.42
N ASP A 207 -16.09 4.84 -3.21
CA ASP A 207 -15.48 4.27 -4.40
C ASP A 207 -15.42 5.36 -5.49
N LYS A 208 -14.60 5.11 -6.50
CA LYS A 208 -14.43 6.04 -7.63
C LYS A 208 -14.30 5.23 -8.90
N TYR A 209 -14.60 5.87 -10.04
CA TYR A 209 -14.18 5.31 -11.32
C TYR A 209 -12.67 5.33 -11.44
N CYS A 210 -12.10 4.22 -11.93
CA CYS A 210 -10.66 4.13 -12.22
CA CYS A 210 -10.67 4.17 -12.21
C CYS A 210 -10.44 4.66 -13.63
N SER A 211 -9.98 5.91 -13.74
CA SER A 211 -9.86 6.58 -15.03
C SER A 211 -9.01 5.80 -16.02
N VAL A 212 -7.89 5.26 -15.55
CA VAL A 212 -6.99 4.61 -16.51
C VAL A 212 -7.65 3.37 -17.10
N ASN A 213 -8.49 2.67 -16.32
CA ASN A 213 -9.19 1.50 -16.82
C ASN A 213 -10.34 1.89 -17.72
N VAL A 214 -10.95 3.05 -17.49
CA VAL A 214 -11.95 3.51 -18.43
C VAL A 214 -11.28 3.84 -19.76
N VAL A 215 -10.10 4.47 -19.71
CA VAL A 215 -9.35 4.73 -20.94
C VAL A 215 -9.04 3.42 -21.67
N ALA A 216 -8.58 2.40 -20.95
CA ALA A 216 -8.25 1.12 -21.60
C ALA A 216 -9.48 0.54 -22.30
N TRP A 217 -10.65 0.65 -21.67
CA TRP A 217 -11.88 0.11 -22.23
C TRP A 217 -12.28 0.87 -23.48
N LEU A 218 -12.13 2.20 -23.47
CA LEU A 218 -12.45 2.95 -24.68
C LEU A 218 -11.50 2.55 -25.82
N TYR A 219 -10.24 2.30 -25.50
CA TYR A 219 -9.33 1.78 -26.51
C TYR A 219 -9.76 0.40 -27.00
N ALA A 220 -10.23 -0.46 -26.08
CA ALA A 220 -10.75 -1.76 -26.51
C ALA A 220 -11.88 -1.57 -27.51
N ALA A 221 -12.72 -0.57 -27.26
CA ALA A 221 -13.84 -0.31 -28.14
C ALA A 221 -13.37 0.14 -29.51
N ILE A 222 -12.41 1.08 -29.53
CA ILE A 222 -11.79 1.52 -30.77
C ILE A 222 -11.15 0.33 -31.51
N LEU A 223 -10.53 -0.61 -30.78
CA LEU A 223 -9.92 -1.75 -31.44
C LEU A 223 -10.95 -2.63 -32.11
N ASN A 224 -12.20 -2.56 -31.66
CA ASN A 224 -13.31 -3.33 -32.19
C ASN A 224 -14.22 -2.54 -33.12
N GLY A 225 -13.78 -1.40 -33.64
CA GLY A 225 -14.58 -0.64 -34.59
C GLY A 225 -15.58 0.32 -33.98
N CYS A 226 -15.64 0.42 -32.66
CA CYS A 226 -16.61 1.26 -31.96
C CYS A 226 -15.87 2.53 -31.55
N ALA A 227 -16.04 3.58 -32.34
CA ALA A 227 -15.27 4.79 -32.09
C ALA A 227 -16.07 6.06 -32.36
N TRP A 228 -17.39 5.97 -32.33
CA TRP A 228 -18.25 7.13 -32.54
C TRP A 228 -18.00 8.24 -31.52
N PHE A 229 -17.46 7.90 -30.35
CA PHE A 229 -17.21 8.87 -29.29
C PHE A 229 -15.89 9.60 -29.46
N VAL A 230 -15.09 9.25 -30.45
CA VAL A 230 -13.80 9.91 -30.65
C VAL A 230 -14.00 11.17 -31.48
N LYS A 231 -13.46 12.27 -30.98
CA LYS A 231 -13.43 13.56 -31.67
C LYS A 231 -12.02 14.09 -31.71
N PRO A 232 -11.77 15.14 -32.51
CA PRO A 232 -10.46 15.83 -32.41
C PRO A 232 -10.24 16.47 -31.07
N ASN A 233 -11.31 16.82 -30.36
CA ASN A 233 -11.20 17.49 -29.09
C ASN A 233 -10.36 16.70 -28.11
N ARG A 234 -9.62 17.45 -27.29
CA ARG A 234 -8.67 16.91 -26.33
C ARG A 234 -8.83 17.61 -24.98
N THR A 235 -8.58 16.85 -23.91
CA THR A 235 -8.40 17.39 -22.56
C THR A 235 -7.03 16.93 -22.06
N SER A 236 -6.25 17.86 -21.54
CA SER A 236 -4.94 17.49 -21.08
C SER A 236 -5.08 16.71 -19.77
N VAL A 237 -4.02 15.97 -19.42
CA VAL A 237 -4.04 15.18 -18.19
C VAL A 237 -4.26 16.10 -16.99
N VAL A 238 -3.60 17.26 -16.98
CA VAL A 238 -3.75 18.17 -15.85
C VAL A 238 -5.21 18.65 -15.75
N SER A 239 -5.82 19.02 -16.89
CA SER A 239 -7.20 19.48 -16.83
CA SER A 239 -7.22 19.47 -16.87
C SER A 239 -8.15 18.33 -16.50
N PHE A 240 -7.91 17.14 -17.06
CA PHE A 240 -8.76 16.00 -16.73
C PHE A 240 -8.69 15.68 -15.24
N ASN A 241 -7.49 15.80 -14.67
CA ASN A 241 -7.34 15.42 -13.27
C ASN A 241 -7.99 16.42 -12.31
N GLU A 242 -8.06 17.70 -12.67
CA GLU A 242 -8.86 18.63 -11.88
C GLU A 242 -10.33 18.24 -11.92
N TRP A 243 -10.82 17.94 -13.12
CA TRP A 243 -12.20 17.50 -13.30
C TRP A 243 -12.47 16.21 -12.53
N ALA A 244 -11.52 15.27 -12.53
CA ALA A 244 -11.75 13.95 -11.94
C ALA A 244 -12.01 14.07 -10.44
N LEU A 245 -11.31 14.98 -9.78
CA LEU A 245 -11.52 15.19 -8.35
C LEU A 245 -12.90 15.74 -8.04
N ALA A 246 -13.57 16.36 -9.01
CA ALA A 246 -14.92 16.89 -8.82
C ALA A 246 -16.00 15.93 -9.32
N ASN A 247 -15.63 14.78 -9.91
CA ASN A 247 -16.61 13.92 -10.54
C ASN A 247 -16.38 12.44 -10.22
N GLN A 248 -15.74 12.16 -9.10
CA GLN A 248 -15.72 10.79 -8.57
C GLN A 248 -14.87 9.86 -9.43
N PHE A 249 -13.83 10.39 -10.08
CA PHE A 249 -12.87 9.62 -10.85
C PHE A 249 -11.52 9.70 -10.18
N THR A 250 -10.74 8.63 -10.29
CA THR A 250 -9.35 8.71 -9.93
C THR A 250 -8.61 9.66 -10.88
N GLU A 251 -7.54 10.25 -10.39
CA GLU A 251 -6.63 10.98 -11.26
C GLU A 251 -5.93 10.01 -12.22
N PHE A 252 -5.76 10.47 -13.44
CA PHE A 252 -5.19 9.65 -14.49
C PHE A 252 -3.67 9.77 -14.44
N VAL A 253 -3.01 8.61 -14.50
CA VAL A 253 -1.56 8.50 -14.56
C VAL A 253 -1.26 7.54 -15.70
N GLY A 254 -0.77 8.06 -16.81
CA GLY A 254 -0.48 7.22 -17.96
C GLY A 254 0.69 6.27 -17.73
N THR A 255 0.68 5.16 -18.45
CA THR A 255 1.73 4.18 -18.34
C THR A 255 2.15 3.78 -19.74
N GLN A 256 3.26 3.04 -19.84
CA GLN A 256 3.69 2.51 -21.13
C GLN A 256 2.62 1.61 -21.76
N SER A 257 1.84 0.91 -20.92
CA SER A 257 0.80 0.03 -21.45
C SER A 257 -0.34 0.81 -22.07
N VAL A 258 -0.67 1.99 -21.52
CA VAL A 258 -1.67 2.85 -22.17
C VAL A 258 -1.09 3.46 -23.44
N ASP A 259 0.20 3.80 -23.41
CA ASP A 259 0.81 4.38 -24.60
C ASP A 259 0.78 3.40 -25.77
N MET A 260 0.96 2.11 -25.48
CA MET A 260 0.91 1.09 -26.53
C MET A 260 -0.45 1.09 -27.22
N LEU A 261 -1.52 1.29 -26.44
CA LEU A 261 -2.87 1.31 -27.01
C LEU A 261 -3.12 2.55 -27.87
N ALA A 262 -2.58 3.70 -27.46
CA ALA A 262 -2.69 4.92 -28.25
C ALA A 262 -1.99 4.76 -29.61
N VAL A 263 -0.80 4.18 -29.61
CA VAL A 263 -0.10 3.92 -30.87
C VAL A 263 -0.88 2.93 -31.72
N LYS A 264 -1.34 1.84 -31.12
CA LYS A 264 -2.03 0.83 -31.92
C LYS A 264 -3.33 1.37 -32.53
N THR A 265 -4.02 2.30 -31.84
CA THR A 265 -5.32 2.79 -32.32
C THR A 265 -5.24 4.09 -33.09
N GLY A 266 -4.11 4.79 -32.98
CA GLY A 266 -4.03 6.13 -33.53
C GLY A 266 -4.83 7.17 -32.79
N VAL A 267 -5.19 6.94 -31.53
CA VAL A 267 -6.04 7.86 -30.79
C VAL A 267 -5.28 8.26 -29.54
N ALA A 268 -5.15 9.57 -29.33
CA ALA A 268 -4.38 10.07 -28.22
C ALA A 268 -5.15 9.92 -26.91
N ILE A 269 -4.40 9.72 -25.82
CA ILE A 269 -4.99 9.69 -24.49
C ILE A 269 -5.89 10.89 -24.28
N GLU A 270 -5.42 12.07 -24.69
CA GLU A 270 -6.15 13.29 -24.42
C GLU A 270 -7.50 13.33 -25.12
N GLN A 271 -7.63 12.62 -26.25
CA GLN A 271 -8.92 12.53 -26.94
C GLN A 271 -9.94 11.75 -26.11
N LEU A 272 -9.48 10.68 -25.45
CA LEU A 272 -10.34 9.84 -24.62
C LEU A 272 -10.65 10.46 -23.27
N LEU A 273 -9.70 11.20 -22.69
CA LEU A 273 -10.03 12.01 -21.52
C LEU A 273 -11.18 12.96 -21.83
N TYR A 274 -11.12 13.65 -22.98
CA TYR A 274 -12.24 14.49 -23.39
C TYR A 274 -13.50 13.65 -23.51
N ALA A 275 -13.42 12.51 -24.21
CA ALA A 275 -14.61 11.67 -24.39
C ALA A 275 -15.22 11.30 -23.04
N ILE A 276 -14.39 10.86 -22.09
CA ILE A 276 -14.89 10.45 -20.79
C ILE A 276 -15.74 11.55 -20.17
N GLN A 277 -15.26 12.80 -20.23
CA GLN A 277 -16.01 13.90 -19.63
C GLN A 277 -17.38 14.01 -20.24
N GLN A 278 -17.47 13.88 -21.56
CA GLN A 278 -18.76 13.96 -22.24
C GLN A 278 -19.61 12.71 -21.97
N LEU A 279 -19.03 11.52 -22.10
CA LEU A 279 -19.80 10.30 -21.86
C LEU A 279 -20.35 10.26 -20.44
N TYR A 280 -19.58 10.78 -19.47
CA TYR A 280 -20.01 10.72 -18.08
C TYR A 280 -21.31 11.47 -17.86
N THR A 281 -21.61 12.47 -18.71
CA THR A 281 -22.90 13.13 -18.61
C THR A 281 -24.01 12.34 -19.27
N GLY A 282 -23.68 11.30 -20.05
CA GLY A 282 -24.66 10.40 -20.59
C GLY A 282 -24.29 9.89 -21.97
N PHE A 283 -24.62 8.65 -22.26
CA PHE A 283 -24.36 8.09 -23.58
C PHE A 283 -25.41 8.52 -24.61
N GLN A 284 -26.33 9.41 -24.24
CA GLN A 284 -27.37 9.89 -25.16
C GLN A 284 -28.06 8.70 -25.82
N GLY A 285 -28.35 7.69 -25.02
CA GLY A 285 -28.98 6.49 -25.54
C GLY A 285 -28.17 5.70 -26.53
N LYS A 286 -26.86 5.96 -26.62
CA LYS A 286 -25.98 5.15 -27.46
C LYS A 286 -25.30 4.08 -26.61
N GLN A 287 -24.54 3.21 -27.27
CA GLN A 287 -23.90 2.10 -26.58
C GLN A 287 -22.42 2.05 -26.94
N ILE A 288 -21.63 1.60 -25.98
CA ILE A 288 -20.22 1.30 -26.17
C ILE A 288 -20.02 -0.16 -25.77
N LEU A 289 -19.58 -0.99 -26.72
CA LEU A 289 -19.30 -2.42 -26.46
C LEU A 289 -20.38 -3.04 -25.58
N GLY A 290 -21.64 -2.81 -25.97
CA GLY A 290 -22.80 -3.39 -25.33
C GLY A 290 -23.19 -2.75 -24.02
N SER A 291 -22.60 -1.61 -23.68
CA SER A 291 -22.77 -1.00 -22.37
C SER A 291 -23.31 0.42 -22.54
N THR A 292 -24.12 0.83 -21.57
CA THR A 292 -24.61 2.20 -21.49
C THR A 292 -23.98 2.98 -20.35
N MET A 293 -22.98 2.41 -19.66
CA MET A 293 -22.18 3.11 -18.66
C MET A 293 -20.71 2.84 -18.91
N LEU A 294 -19.87 3.71 -18.35
CA LEU A 294 -18.43 3.51 -18.41
C LEU A 294 -18.03 2.27 -17.62
N GLU A 295 -17.12 1.48 -18.20
CA GLU A 295 -16.59 0.26 -17.61
C GLU A 295 -15.16 0.50 -17.14
N ASP A 296 -14.86 0.22 -15.86
CA ASP A 296 -13.51 0.42 -15.34
C ASP A 296 -12.90 -0.87 -14.76
N GLU A 297 -13.46 -2.04 -15.06
CA GLU A 297 -12.96 -3.31 -14.54
C GLU A 297 -12.02 -4.05 -15.49
N PHE A 298 -11.61 -3.44 -16.60
CA PHE A 298 -10.56 -3.98 -17.45
C PHE A 298 -9.38 -3.03 -17.48
N THR A 299 -8.16 -3.59 -17.34
CA THR A 299 -6.96 -2.79 -17.28
C THR A 299 -6.33 -2.62 -18.65
N PRO A 300 -5.46 -1.62 -18.80
CA PRO A 300 -4.69 -1.50 -20.06
C PRO A 300 -3.97 -2.79 -20.43
N GLU A 301 -3.49 -3.53 -19.42
CA GLU A 301 -2.80 -4.80 -19.68
C GLU A 301 -3.78 -5.86 -20.17
N ASP A 302 -4.97 -5.95 -19.57
CA ASP A 302 -5.98 -6.86 -20.11
C ASP A 302 -6.18 -6.63 -21.61
N VAL A 303 -6.35 -5.36 -22.00
CA VAL A 303 -6.66 -5.05 -23.40
C VAL A 303 -5.48 -5.41 -24.28
N ASN A 304 -4.27 -5.03 -23.88
CA ASN A 304 -3.08 -5.40 -24.64
C ASN A 304 -2.98 -6.92 -24.80
N MET A 305 -3.04 -7.65 -23.68
CA MET A 305 -2.89 -9.11 -23.74
C MET A 305 -4.06 -9.79 -24.46
N GLN A 306 -5.30 -9.46 -24.09
CA GLN A 306 -6.43 -10.26 -24.61
C GLN A 306 -6.78 -9.94 -26.07
N ILE A 307 -6.65 -8.67 -26.47
CA ILE A 307 -7.04 -8.27 -27.81
C ILE A 307 -5.84 -8.25 -28.75
N MET A 308 -4.69 -7.78 -28.28
CA MET A 308 -3.52 -7.63 -29.15
C MET A 308 -2.49 -8.72 -28.94
N GLY A 309 -2.60 -9.51 -27.88
CA GLY A 309 -1.60 -10.51 -27.59
C GLY A 309 -0.23 -9.98 -27.19
N VAL A 310 -0.17 -8.84 -26.49
CA VAL A 310 1.09 -8.31 -25.98
C VAL A 310 1.31 -8.84 -24.56
N VAL A 311 2.45 -8.49 -23.94
CA VAL A 311 2.74 -8.96 -22.58
C VAL A 311 3.53 -7.92 -21.77
N HIS B 6 0.98 27.89 26.50
CA HIS B 6 1.16 28.52 25.14
C HIS B 6 2.00 27.62 24.20
N HIS B 7 3.04 26.91 24.71
CA HIS B 7 3.66 25.85 23.91
C HIS B 7 2.88 24.54 24.11
N SER B 8 2.54 23.89 22.99
CA SER B 8 1.70 22.72 23.01
C SER B 8 2.33 21.52 23.68
N GLY B 9 3.66 21.49 23.79
CA GLY B 9 4.35 20.27 24.14
C GLY B 9 4.55 19.28 23.01
N LEU B 10 4.21 19.64 21.77
CA LEU B 10 4.43 18.78 20.60
C LEU B 10 5.68 19.21 19.88
N VAL B 11 6.47 18.23 19.44
CA VAL B 11 7.60 18.42 18.53
C VAL B 11 7.54 17.27 17.53
N LYS B 12 8.26 17.42 16.44
CA LYS B 12 8.46 16.33 15.50
C LYS B 12 9.43 15.34 16.12
N MET B 13 8.89 14.24 16.64
CA MET B 13 9.66 13.26 17.39
C MET B 13 9.97 12.06 16.50
N SER B 14 11.26 11.77 16.31
CA SER B 14 11.75 10.58 15.66
C SER B 14 12.17 9.52 16.65
N HIS B 15 12.14 8.26 16.23
CA HIS B 15 12.71 7.20 17.05
C HIS B 15 14.21 7.41 17.18
N PRO B 16 14.82 6.91 18.25
CA PRO B 16 16.29 6.84 18.29
C PRO B 16 16.77 5.99 17.13
N SER B 17 17.85 6.41 16.51
CA SER B 17 18.25 5.84 15.22
C SER B 17 19.40 4.84 15.32
N GLY B 18 19.95 4.61 16.52
CA GLY B 18 21.12 3.77 16.67
C GLY B 18 21.00 2.40 16.03
N ASP B 19 19.89 1.70 16.28
CA ASP B 19 19.70 0.35 15.73
C ASP B 19 19.80 0.34 14.21
N VAL B 20 19.27 1.38 13.56
CA VAL B 20 19.22 1.43 12.10
C VAL B 20 20.56 1.88 11.55
N GLU B 21 21.21 2.82 12.24
CA GLU B 21 22.55 3.25 11.85
C GLU B 21 23.45 2.05 11.60
N ALA B 22 23.40 1.05 12.49
CA ALA B 22 24.29 -0.11 12.41
C ALA B 22 23.96 -1.02 11.21
N CYS B 23 22.92 -0.68 10.43
CA CYS B 23 22.52 -1.44 9.27
C CYS B 23 22.86 -0.75 7.96
N MET B 24 23.38 0.47 7.99
CA MET B 24 23.54 1.25 6.76
C MET B 24 24.88 0.91 6.13
N VAL B 25 24.88 0.80 4.79
CA VAL B 25 26.09 0.52 4.03
C VAL B 25 26.10 1.41 2.78
N GLN B 26 27.24 1.48 2.13
CA GLN B 26 27.37 2.15 0.86
C GLN B 26 27.40 1.08 -0.21
N VAL B 27 26.60 1.28 -1.26
CA VAL B 27 26.54 0.35 -2.39
C VAL B 27 26.99 1.10 -3.62
N THR B 28 27.91 0.49 -4.37
CA THR B 28 28.50 1.11 -5.55
C THR B 28 28.43 0.11 -6.70
N CYS B 29 27.93 0.56 -7.83
CA CYS B 29 27.87 -0.26 -9.03
C CYS B 29 28.46 0.60 -10.13
N GLY B 30 29.72 0.35 -10.46
CA GLY B 30 30.37 1.14 -11.48
C GLY B 30 30.57 2.56 -10.99
N SER B 31 30.15 3.52 -11.82
CA SER B 31 30.26 4.94 -11.48
C SER B 31 29.25 5.38 -10.43
N MET B 32 28.20 4.59 -10.20
CA MET B 32 27.05 5.00 -9.39
C MET B 32 27.21 4.53 -7.95
N THR B 33 26.79 5.36 -7.00
CA THR B 33 26.83 4.93 -5.60
C THR B 33 25.62 5.49 -4.84
N LEU B 34 25.18 4.74 -3.83
CA LEU B 34 24.10 5.20 -2.94
C LEU B 34 24.14 4.34 -1.66
N ASN B 35 23.09 4.44 -0.84
CA ASN B 35 23.03 3.73 0.44
C ASN B 35 22.26 2.41 0.30
N GLY B 36 22.62 1.46 1.15
CA GLY B 36 21.86 0.24 1.29
C GLY B 36 21.56 -0.08 2.73
N LEU B 37 20.65 -1.03 2.91
CA LEU B 37 20.26 -1.53 4.22
C LEU B 37 20.70 -2.98 4.36
N TRP B 38 21.52 -3.28 5.38
CA TRP B 38 22.13 -4.59 5.56
C TRP B 38 21.47 -5.33 6.72
N LEU B 39 20.67 -6.36 6.39
CA LEU B 39 19.94 -7.16 7.37
C LEU B 39 20.21 -8.64 7.11
N ASP B 40 20.67 -9.37 8.10
CA ASP B 40 21.00 -10.80 7.91
C ASP B 40 22.00 -10.87 6.75
N ASN B 41 21.82 -11.78 5.78
CA ASN B 41 22.71 -11.87 4.62
C ASN B 41 22.24 -11.08 3.39
N THR B 42 21.38 -10.09 3.57
CA THR B 42 20.81 -9.33 2.48
C THR B 42 21.12 -7.84 2.59
N VAL B 43 21.45 -7.23 1.47
CA VAL B 43 21.59 -5.77 1.35
C VAL B 43 20.55 -5.30 0.34
N TRP B 44 19.68 -4.37 0.77
CA TRP B 44 18.66 -3.77 -0.07
C TRP B 44 19.10 -2.39 -0.55
N CYS B 45 18.84 -2.07 -1.82
CA CYS B 45 19.16 -0.72 -2.30
C CYS B 45 18.33 -0.45 -3.55
N PRO B 46 18.21 0.82 -3.94
CA PRO B 46 17.46 1.16 -5.15
C PRO B 46 18.12 0.57 -6.39
N ARG B 47 17.30 0.03 -7.28
CA ARG B 47 17.86 -0.59 -8.48
C ARG B 47 18.50 0.41 -9.44
N HIS B 48 18.20 1.71 -9.33
CA HIS B 48 18.86 2.62 -10.25
C HIS B 48 20.34 2.85 -9.91
N VAL B 49 20.89 2.24 -8.87
CA VAL B 49 22.34 2.23 -8.77
C VAL B 49 22.97 1.56 -10.00
N MET B 50 22.20 0.75 -10.71
CA MET B 50 22.67 0.08 -11.92
C MET B 50 22.70 0.98 -13.14
N CYS B 51 22.14 2.15 -13.05
CA CYS B 51 21.79 2.85 -14.28
C CYS B 51 22.82 3.93 -14.55
N PRO B 52 23.38 4.00 -15.76
CA PRO B 52 24.24 5.12 -16.10
C PRO B 52 23.51 6.45 -15.99
N ALA B 53 24.27 7.51 -15.66
CA ALA B 53 23.65 8.82 -15.50
C ALA B 53 22.99 9.30 -16.78
N ASP B 54 23.48 8.85 -17.94
CA ASP B 54 22.87 9.22 -19.21
C ASP B 54 21.54 8.53 -19.45
N GLN B 55 21.18 7.50 -18.68
CA GLN B 55 20.04 6.66 -19.02
C GLN B 55 18.87 6.77 -18.05
N LEU B 56 18.96 7.65 -17.03
CA LEU B 56 17.99 7.65 -15.93
C LEU B 56 16.56 8.01 -16.36
N SER B 57 16.38 8.62 -17.53
CA SER B 57 15.02 9.06 -17.89
C SER B 57 14.14 7.90 -18.32
N ASP B 58 14.72 6.93 -19.05
CA ASP B 58 14.00 5.74 -19.52
C ASP B 58 14.95 4.56 -19.44
N PRO B 59 15.23 4.08 -18.23
CA PRO B 59 16.10 2.91 -18.10
C PRO B 59 15.33 1.63 -18.34
N ASN B 60 16.04 0.64 -18.84
CA ASN B 60 15.54 -0.72 -19.03
C ASN B 60 16.18 -1.59 -17.96
N TYR B 61 15.57 -1.64 -16.78
CA TYR B 61 16.23 -2.30 -15.66
C TYR B 61 16.36 -3.80 -15.88
N ASP B 62 15.47 -4.42 -16.65
CA ASP B 62 15.59 -5.86 -16.86
C ASP B 62 16.88 -6.20 -17.61
N ALA B 63 17.24 -5.38 -18.60
CA ALA B 63 18.48 -5.61 -19.33
C ALA B 63 19.70 -5.18 -18.53
N LEU B 64 19.58 -4.10 -17.77
CA LEU B 64 20.67 -3.71 -16.89
C LEU B 64 21.01 -4.83 -15.93
N LEU B 65 19.98 -5.42 -15.31
CA LEU B 65 20.20 -6.50 -14.37
C LEU B 65 20.89 -7.70 -15.03
N ILE B 66 20.47 -8.05 -16.25
CA ILE B 66 21.09 -9.15 -16.99
C ILE B 66 22.59 -8.91 -17.14
N SER B 67 22.97 -7.67 -17.42
CA SER B 67 24.35 -7.30 -17.63
C SER B 67 25.18 -7.37 -16.36
N MET B 68 24.56 -7.41 -15.19
CA MET B 68 25.32 -7.43 -13.94
C MET B 68 25.76 -8.84 -13.57
N THR B 69 26.87 -8.88 -12.83
CA THR B 69 27.35 -10.05 -12.09
C THR B 69 27.51 -9.66 -10.61
N ASN B 70 27.77 -10.67 -9.78
CA ASN B 70 27.96 -10.41 -8.35
C ASN B 70 29.08 -9.42 -8.08
N HIS B 71 30.13 -9.43 -8.90
CA HIS B 71 31.25 -8.51 -8.73
C HIS B 71 30.93 -7.09 -9.21
N SER B 72 29.83 -6.89 -9.91
CA SER B 72 29.40 -5.55 -10.31
C SER B 72 29.12 -4.65 -9.12
N PHE B 73 28.85 -5.24 -7.96
CA PHE B 73 28.36 -4.55 -6.78
C PHE B 73 29.43 -4.59 -5.70
N SER B 74 29.76 -3.41 -5.18
CA SER B 74 30.65 -3.26 -4.06
C SER B 74 29.83 -2.72 -2.89
N VAL B 75 29.94 -3.37 -1.73
CA VAL B 75 29.17 -3.00 -0.55
C VAL B 75 30.16 -2.73 0.59
N GLN B 76 30.05 -1.58 1.24
CA GLN B 76 30.96 -1.24 2.34
C GLN B 76 30.20 -0.70 3.54
N LYS B 77 30.60 -1.17 4.71
CA LYS B 77 30.20 -0.56 5.98
C LYS B 77 31.30 0.38 6.42
N HIS B 78 30.95 1.65 6.61
CA HIS B 78 31.94 2.64 6.99
C HIS B 78 31.90 3.00 8.46
N ILE B 79 30.76 2.84 9.10
CA ILE B 79 30.60 3.32 10.45
C ILE B 79 30.80 2.14 11.38
N GLY B 80 31.06 2.44 12.64
CA GLY B 80 31.39 1.39 13.60
C GLY B 80 32.65 0.68 13.18
N ALA B 81 32.63 -0.63 13.25
CA ALA B 81 33.69 -1.46 12.71
C ALA B 81 33.53 -1.55 11.20
N PRO B 82 34.39 -0.91 10.42
CA PRO B 82 34.23 -0.97 8.96
C PRO B 82 34.35 -2.38 8.43
N ALA B 83 33.76 -2.59 7.26
CA ALA B 83 33.66 -3.93 6.69
C ALA B 83 33.48 -3.81 5.19
N ASN B 84 34.13 -4.72 4.46
CA ASN B 84 33.87 -4.91 3.04
C ASN B 84 33.09 -6.20 2.88
N LEU B 85 31.93 -6.10 2.23
CA LEU B 85 31.01 -7.21 2.13
C LEU B 85 31.04 -7.78 0.72
N ARG B 86 31.25 -9.08 0.62
CA ARG B 86 31.32 -9.74 -0.68
C ARG B 86 29.93 -10.16 -1.09
N VAL B 87 29.55 -9.73 -2.29
CA VAL B 87 28.25 -10.04 -2.86
C VAL B 87 28.33 -11.40 -3.56
N VAL B 88 27.41 -12.29 -3.20
CA VAL B 88 27.42 -13.66 -3.70
C VAL B 88 26.15 -14.00 -4.42
N GLY B 89 25.28 -13.01 -4.64
CA GLY B 89 23.99 -13.21 -5.27
C GLY B 89 23.35 -11.85 -5.48
N HIS B 90 22.60 -11.68 -6.57
CA HIS B 90 21.90 -10.43 -6.83
C HIS B 90 20.58 -10.72 -7.52
N ALA B 91 19.55 -10.00 -7.09
CA ALA B 91 18.18 -10.16 -7.55
C ALA B 91 17.48 -8.82 -7.53
N MET B 92 16.37 -8.75 -8.25
CA MET B 92 15.60 -7.54 -8.38
C MET B 92 14.20 -7.85 -7.89
N GLN B 93 13.65 -6.98 -7.07
CA GLN B 93 12.26 -7.08 -6.67
C GLN B 93 11.67 -5.69 -6.83
N GLY B 94 10.83 -5.54 -7.85
CA GLY B 94 10.26 -4.23 -8.14
C GLY B 94 11.38 -3.24 -8.37
N THR B 95 11.34 -2.14 -7.61
CA THR B 95 12.31 -1.07 -7.74
C THR B 95 13.50 -1.22 -6.80
N LEU B 96 13.65 -2.37 -6.13
CA LEU B 96 14.77 -2.58 -5.21
C LEU B 96 15.64 -3.72 -5.74
N LEU B 97 16.94 -3.64 -5.44
CA LEU B 97 17.83 -4.78 -5.57
C LEU B 97 17.97 -5.48 -4.22
N LYS B 98 18.09 -6.78 -4.28
CA LYS B 98 18.33 -7.64 -3.12
C LYS B 98 19.68 -8.28 -3.40
N LEU B 99 20.74 -7.80 -2.73
CA LEU B 99 22.06 -8.38 -2.88
C LEU B 99 22.32 -9.33 -1.72
N THR B 100 22.77 -10.52 -2.04
CA THR B 100 23.12 -11.48 -1.02
C THR B 100 24.61 -11.32 -0.75
N VAL B 101 24.96 -11.24 0.53
CA VAL B 101 26.34 -11.04 0.93
C VAL B 101 26.75 -12.23 1.76
N ASP B 102 28.06 -12.44 1.84
CA ASP B 102 28.59 -13.63 2.50
C ASP B 102 28.66 -13.53 4.03
N VAL B 103 28.32 -12.39 4.64
CA VAL B 103 28.38 -12.23 6.09
C VAL B 103 27.03 -11.71 6.55
N ALA B 104 26.50 -12.29 7.61
CA ALA B 104 25.26 -11.80 8.20
C ALA B 104 25.58 -10.60 9.07
N ASN B 105 24.75 -9.57 8.98
CA ASN B 105 25.00 -8.41 9.80
C ASN B 105 24.92 -8.81 11.27
N PRO B 106 26.03 -8.77 12.03
CA PRO B 106 25.95 -9.10 13.46
C PRO B 106 25.07 -8.15 14.24
N SER B 107 24.80 -6.95 13.74
CA SER B 107 23.93 -6.02 14.45
C SER B 107 22.50 -5.98 13.89
N THR B 108 22.05 -7.06 13.23
CA THR B 108 20.70 -7.07 12.68
C THR B 108 19.69 -6.95 13.82
N PRO B 109 18.80 -5.98 13.80
CA PRO B 109 17.80 -5.87 14.86
C PRO B 109 16.64 -6.82 14.59
N ALA B 110 15.79 -6.96 15.59
CA ALA B 110 14.50 -7.58 15.28
C ALA B 110 13.76 -6.66 14.32
N TYR B 111 13.20 -7.22 13.24
CA TYR B 111 12.60 -6.32 12.26
C TYR B 111 11.50 -7.02 11.48
N THR B 112 10.71 -6.18 10.82
CA THR B 112 9.71 -6.59 9.85
C THR B 112 9.74 -5.61 8.70
N PHE B 113 9.02 -5.94 7.63
CA PHE B 113 8.77 -5.02 6.54
C PHE B 113 7.30 -4.75 6.55
N THR B 114 6.93 -3.46 6.52
CA THR B 114 5.53 -3.07 6.50
C THR B 114 5.37 -1.90 5.52
N THR B 115 4.16 -1.70 5.01
CA THR B 115 3.84 -0.49 4.26
C THR B 115 3.20 0.52 5.19
N VAL B 116 3.49 1.82 4.97
CA VAL B 116 2.85 2.86 5.77
C VAL B 116 1.68 3.41 4.99
N LYS B 117 0.70 3.92 5.70
CA LYS B 117 -0.47 4.46 5.05
C LYS B 117 -0.52 5.98 5.18
N PRO B 118 -1.28 6.64 4.32
CA PRO B 118 -1.41 8.09 4.38
C PRO B 118 -1.84 8.55 5.77
N GLY B 119 -1.19 9.62 6.25
CA GLY B 119 -1.45 10.19 7.54
C GLY B 119 -0.59 9.61 8.65
N ALA B 120 -0.03 8.43 8.44
CA ALA B 120 0.81 7.77 9.43
C ALA B 120 2.21 8.39 9.41
N ALA B 121 2.81 8.46 10.60
CA ALA B 121 4.14 9.00 10.81
C ALA B 121 5.22 7.93 10.75
N PHE B 122 6.38 8.28 10.22
CA PHE B 122 7.53 7.39 10.33
C PHE B 122 8.84 8.18 10.40
N SER B 123 9.86 7.51 10.90
CA SER B 123 11.19 8.07 11.10
C SER B 123 12.09 7.76 9.90
N VAL B 124 12.92 8.73 9.51
CA VAL B 124 13.83 8.61 8.37
C VAL B 124 15.25 8.82 8.86
N LEU B 125 16.16 7.96 8.43
CA LEU B 125 17.58 8.14 8.65
C LEU B 125 18.18 8.53 7.30
N ALA B 126 18.52 9.80 7.17
CA ALA B 126 19.07 10.31 5.93
C ALA B 126 20.56 9.98 5.91
N CYS B 127 21.02 9.34 4.83
CA CYS B 127 22.40 8.88 4.71
C CYS B 127 23.00 9.33 3.39
N TYR B 128 24.31 9.49 3.41
CA TYR B 128 25.09 9.85 2.23
C TYR B 128 26.36 9.04 2.29
N ASN B 129 26.64 8.36 1.20
CA ASN B 129 27.81 7.51 1.07
C ASN B 129 27.91 6.49 2.21
N GLY B 130 26.77 5.90 2.57
CA GLY B 130 26.72 4.90 3.62
C GLY B 130 26.85 5.43 5.04
N ARG B 131 26.86 6.75 5.21
CA ARG B 131 27.07 7.38 6.50
C ARG B 131 25.81 8.13 6.90
N PRO B 132 25.12 7.71 7.96
CA PRO B 132 24.00 8.49 8.49
C PRO B 132 24.39 9.93 8.82
N THR B 133 23.60 10.85 8.34
CA THR B 133 23.87 12.25 8.57
C THR B 133 22.74 12.96 9.31
N GLY B 134 21.53 12.44 9.26
CA GLY B 134 20.44 13.13 9.92
C GLY B 134 19.25 12.22 10.09
N THR B 135 18.39 12.61 11.03
CA THR B 135 17.12 11.92 11.26
C THR B 135 15.99 12.92 11.43
N PHE B 136 14.83 12.56 10.87
CA PHE B 136 13.65 13.40 10.91
C PHE B 136 12.43 12.49 10.82
N THR B 137 11.27 13.05 11.11
CA THR B 137 10.03 12.28 10.97
C THR B 137 9.11 13.00 10.00
N VAL B 138 8.33 12.20 9.27
CA VAL B 138 7.39 12.72 8.28
C VAL B 138 6.09 11.94 8.40
N VAL B 139 5.05 12.53 7.84
CA VAL B 139 3.78 11.88 7.60
C VAL B 139 3.67 11.54 6.12
N MET B 140 3.27 10.31 5.82
CA MET B 140 2.99 9.92 4.44
C MET B 140 1.77 10.68 3.96
N ARG B 141 1.93 11.45 2.88
CA ARG B 141 0.86 12.33 2.44
C ARG B 141 -0.22 11.52 1.71
N PRO B 142 -1.46 12.02 1.67
CA PRO B 142 -2.51 11.31 0.91
C PRO B 142 -2.18 11.12 -0.54
N ASN B 143 -1.19 11.81 -1.09
CA ASN B 143 -0.81 11.55 -2.46
C ASN B 143 0.48 10.74 -2.57
N TYR B 144 0.87 10.05 -1.51
CA TYR B 144 2.02 9.14 -1.50
C TYR B 144 3.35 9.85 -1.79
N THR B 145 3.43 11.12 -1.43
CA THR B 145 4.70 11.80 -1.26
C THR B 145 4.95 12.03 0.22
N ILE B 146 6.19 12.44 0.51
CA ILE B 146 6.56 12.92 1.84
C ILE B 146 7.29 14.24 1.67
N LYS B 147 7.12 15.10 2.67
CA LYS B 147 7.77 16.41 2.69
C LYS B 147 9.08 16.24 3.46
N GLY B 148 10.09 15.75 2.74
CA GLY B 148 11.34 15.34 3.35
C GLY B 148 12.47 16.33 3.09
N SER B 149 13.69 15.87 3.37
CA SER B 149 14.89 16.68 3.18
C SER B 149 15.96 15.73 2.63
N PHE B 150 16.12 15.71 1.31
CA PHE B 150 16.97 14.75 0.62
C PHE B 150 17.69 15.47 -0.50
N LEU B 151 18.99 15.17 -0.65
CA LEU B 151 19.86 15.72 -1.68
C LEU B 151 20.44 14.59 -2.53
N CYS B 152 21.18 14.96 -3.57
CA CYS B 152 21.87 13.94 -4.36
C CYS B 152 22.69 13.05 -3.44
N GLY B 153 22.64 11.73 -3.69
CA GLY B 153 23.32 10.74 -2.87
C GLY B 153 22.53 10.20 -1.70
N SER B 154 21.31 10.69 -1.45
CA SER B 154 20.49 10.22 -0.33
C SER B 154 19.72 8.95 -0.65
N CYS B 155 19.67 8.52 -1.90
CA CYS B 155 18.84 7.38 -2.23
C CYS B 155 19.32 6.16 -1.46
N GLY B 156 18.38 5.30 -1.06
CA GLY B 156 18.67 4.21 -0.16
C GLY B 156 18.58 4.54 1.32
N SER B 157 18.46 5.82 1.68
CA SER B 157 18.04 6.18 3.03
C SER B 157 16.70 5.50 3.34
N VAL B 158 16.49 5.17 4.61
CA VAL B 158 15.39 4.31 5.01
C VAL B 158 14.47 4.98 6.01
N GLY B 159 13.19 4.64 5.91
CA GLY B 159 12.18 5.04 6.87
C GLY B 159 11.62 3.83 7.61
N TYR B 160 11.18 4.05 8.84
CA TYR B 160 10.78 2.94 9.70
C TYR B 160 9.90 3.45 10.84
N THR B 161 9.09 2.53 11.34
CA THR B 161 8.50 2.65 12.67
C THR B 161 9.10 1.58 13.60
N LYS B 162 8.68 1.64 14.86
CA LYS B 162 9.18 0.78 15.91
C LYS B 162 7.99 0.35 16.75
N GLU B 163 7.83 -0.94 16.96
CA GLU B 163 6.86 -1.49 17.90
C GLU B 163 7.68 -2.28 18.92
N GLY B 164 7.97 -1.67 20.05
CA GLY B 164 8.81 -2.33 21.03
C GLY B 164 10.25 -2.25 20.59
N SER B 165 10.94 -3.39 20.63
CA SER B 165 12.26 -3.55 20.04
C SER B 165 12.23 -3.80 18.52
N VAL B 166 11.07 -3.98 17.91
CA VAL B 166 10.99 -4.42 16.52
C VAL B 166 10.92 -3.21 15.61
N ILE B 167 11.86 -3.11 14.69
CA ILE B 167 11.87 -2.06 13.69
C ILE B 167 11.06 -2.52 12.49
N ASN B 168 10.09 -1.72 12.05
CA ASN B 168 9.26 -2.02 10.88
C ASN B 168 9.72 -1.08 9.77
N PHE B 169 10.56 -1.60 8.88
CA PHE B 169 11.01 -0.83 7.75
C PHE B 169 9.90 -0.66 6.72
N CYS B 170 9.68 0.59 6.30
CA CYS B 170 8.54 0.92 5.47
C CYS B 170 8.91 1.77 4.26
N TYR B 171 10.14 2.27 4.16
CA TYR B 171 10.46 3.23 3.11
C TYR B 171 11.93 3.16 2.75
N MET B 172 12.22 3.19 1.44
CA MET B 172 13.58 3.38 0.96
C MET B 172 13.56 4.46 -0.10
N HIS B 173 14.36 5.50 0.12
CA HIS B 173 14.22 6.72 -0.66
C HIS B 173 14.70 6.55 -2.11
N GLN B 174 13.96 7.19 -3.02
CA GLN B 174 14.20 7.05 -4.48
C GLN B 174 14.31 8.36 -5.24
N MET B 175 13.49 9.36 -4.94
CA MET B 175 13.44 10.49 -5.87
C MET B 175 12.77 11.72 -5.27
N GLU B 176 13.02 12.86 -5.91
CA GLU B 176 12.36 14.12 -5.61
C GLU B 176 11.48 14.54 -6.78
N LEU B 177 10.29 15.00 -6.44
CA LEU B 177 9.31 15.44 -7.42
C LEU B 177 9.44 16.94 -7.67
N ALA B 178 8.70 17.41 -8.68
CA ALA B 178 8.83 18.77 -9.16
C ALA B 178 8.42 19.80 -8.11
N ASN B 179 7.49 19.44 -7.22
CA ASN B 179 7.08 20.37 -6.19
C ASN B 179 7.94 20.29 -4.93
N GLY B 180 9.09 19.61 -4.98
CA GLY B 180 9.98 19.57 -3.84
C GLY B 180 9.69 18.46 -2.84
N THR B 181 8.61 17.73 -3.04
CA THR B 181 8.36 16.60 -2.17
C THR B 181 9.09 15.36 -2.69
N HIS B 182 8.93 14.23 -1.99
CA HIS B 182 9.79 13.07 -2.18
C HIS B 182 9.00 11.78 -2.15
N THR B 183 9.56 10.74 -2.78
CA THR B 183 8.92 9.44 -2.71
C THR B 183 9.95 8.33 -2.90
N GLY B 184 9.52 7.13 -2.56
CA GLY B 184 10.37 5.98 -2.59
C GLY B 184 9.56 4.72 -2.53
N SER B 185 10.23 3.63 -2.17
CA SER B 185 9.72 2.28 -2.30
C SER B 185 9.35 1.74 -0.92
N ALA B 186 8.40 0.82 -0.90
CA ALA B 186 8.29 -0.12 0.21
C ALA B 186 9.22 -1.31 -0.03
N PHE B 187 9.40 -2.12 1.00
CA PHE B 187 10.39 -3.19 0.88
C PHE B 187 9.84 -4.44 0.23
N ASP B 188 8.59 -4.41 -0.21
CA ASP B 188 8.15 -5.34 -1.25
C ASP B 188 8.54 -4.87 -2.66
N GLY B 189 9.25 -3.73 -2.79
CA GLY B 189 9.74 -3.22 -4.05
C GLY B 189 8.78 -2.31 -4.81
N THR B 190 7.53 -2.18 -4.35
CA THR B 190 6.63 -1.22 -4.99
C THR B 190 7.06 0.19 -4.63
N MET B 191 6.83 1.11 -5.57
CA MET B 191 6.85 2.53 -5.25
C MET B 191 5.56 2.92 -4.57
N TYR B 192 5.64 3.84 -3.64
CA TYR B 192 4.42 4.35 -3.07
C TYR B 192 3.63 5.12 -4.11
N GLY B 193 2.30 4.96 -4.08
CA GLY B 193 1.49 5.66 -5.04
C GLY B 193 1.74 5.12 -6.43
N ALA B 194 1.48 5.98 -7.41
CA ALA B 194 1.59 5.58 -8.81
C ALA B 194 2.91 6.03 -9.43
N PHE B 195 3.94 6.26 -8.62
CA PHE B 195 5.20 6.78 -9.13
C PHE B 195 6.03 5.68 -9.77
N MET B 196 6.95 6.11 -10.64
CA MET B 196 7.90 5.26 -11.32
C MET B 196 9.31 5.73 -11.01
N ASP B 197 10.24 4.79 -10.84
CA ASP B 197 11.63 5.16 -10.55
C ASP B 197 12.35 5.48 -11.85
N LYS B 198 11.89 6.57 -12.48
CA LYS B 198 12.46 7.08 -13.73
C LYS B 198 12.58 8.59 -13.64
N GLN B 199 13.67 9.14 -14.16
CA GLN B 199 13.94 10.58 -14.00
C GLN B 199 13.23 11.33 -15.11
N VAL B 200 11.92 11.52 -14.92
CA VAL B 200 11.05 12.14 -15.89
C VAL B 200 9.94 12.80 -15.10
N HIS B 201 9.45 13.94 -15.60
CA HIS B 201 8.34 14.61 -14.94
C HIS B 201 7.16 13.65 -14.88
N GLN B 202 6.55 13.52 -13.72
CA GLN B 202 5.49 12.53 -13.50
C GLN B 202 4.27 13.25 -12.95
N VAL B 203 3.09 12.80 -13.34
CA VAL B 203 1.89 13.43 -12.81
C VAL B 203 1.94 13.24 -11.31
N GLN B 204 1.51 14.25 -10.59
CA GLN B 204 1.42 14.16 -9.13
C GLN B 204 -0.03 14.35 -8.72
N LEU B 205 -0.50 13.47 -7.86
CA LEU B 205 -1.88 13.59 -7.45
C LEU B 205 -2.01 14.71 -6.43
N THR B 206 -3.25 15.15 -6.21
CA THR B 206 -3.51 16.23 -5.29
C THR B 206 -3.28 15.77 -3.83
N ASP B 207 -2.58 16.59 -3.07
CA ASP B 207 -2.53 16.41 -1.63
C ASP B 207 -3.89 16.76 -1.01
N LYS B 208 -4.06 16.34 0.25
CA LYS B 208 -5.26 16.54 1.03
C LYS B 208 -4.87 16.74 2.49
N TYR B 209 -5.69 17.48 3.22
CA TYR B 209 -5.61 17.48 4.67
C TYR B 209 -5.90 16.08 5.21
N CYS B 210 -5.06 15.60 6.14
CA CYS B 210 -5.32 14.34 6.83
CA CYS B 210 -5.33 14.34 6.82
C CYS B 210 -6.28 14.60 7.98
N SER B 211 -7.55 14.28 7.76
CA SER B 211 -8.59 14.62 8.72
C SER B 211 -8.31 14.06 10.13
N VAL B 212 -7.93 12.78 10.23
CA VAL B 212 -7.73 12.17 11.54
C VAL B 212 -6.63 12.91 12.31
N ASN B 213 -5.62 13.42 11.59
CA ASN B 213 -4.53 14.15 12.22
C ASN B 213 -4.93 15.57 12.60
N VAL B 214 -5.85 16.19 11.85
CA VAL B 214 -6.34 17.50 12.31
C VAL B 214 -7.13 17.32 13.60
N VAL B 215 -7.91 16.24 13.70
CA VAL B 215 -8.66 15.98 14.92
C VAL B 215 -7.69 15.80 16.10
N ALA B 216 -6.60 15.06 15.89
CA ALA B 216 -5.61 14.84 16.93
C ALA B 216 -5.05 16.17 17.44
N TRP B 217 -4.77 17.11 16.53
CA TRP B 217 -4.18 18.40 16.90
C TRP B 217 -5.18 19.27 17.64
N LEU B 218 -6.45 19.19 17.26
CA LEU B 218 -7.46 19.91 18.02
C LEU B 218 -7.58 19.34 19.43
N TYR B 219 -7.50 18.01 19.57
CA TYR B 219 -7.47 17.41 20.91
C TYR B 219 -6.23 17.83 21.70
N ALA B 220 -5.06 17.92 21.04
CA ALA B 220 -3.87 18.45 21.70
C ALA B 220 -4.12 19.86 22.21
N ALA B 221 -4.77 20.70 21.40
CA ALA B 221 -5.10 22.06 21.84
C ALA B 221 -5.99 22.01 23.07
N ILE B 222 -7.04 21.20 23.06
CA ILE B 222 -7.90 21.05 24.23
C ILE B 222 -7.07 20.62 25.45
N LEU B 223 -6.15 19.65 25.28
CA LEU B 223 -5.34 19.20 26.40
C LEU B 223 -4.45 20.31 26.93
N ASN B 224 -4.16 21.31 26.12
CA ASN B 224 -3.45 22.50 26.56
C ASN B 224 -4.38 23.62 27.05
N GLY B 225 -5.67 23.36 27.19
CA GLY B 225 -6.59 24.38 27.66
C GLY B 225 -7.05 25.37 26.60
N CYS B 226 -6.80 25.08 25.33
CA CYS B 226 -7.19 25.97 24.24
C CYS B 226 -8.39 25.30 23.58
N ALA B 227 -9.60 25.76 23.92
CA ALA B 227 -10.81 25.11 23.43
C ALA B 227 -11.84 26.08 22.89
N TRP B 228 -11.41 27.20 22.29
CA TRP B 228 -12.40 28.22 21.90
C TRP B 228 -13.25 27.78 20.73
N PHE B 229 -12.73 26.86 19.91
CA PHE B 229 -13.40 26.36 18.71
C PHE B 229 -14.42 25.26 19.01
N VAL B 230 -14.53 24.81 20.26
CA VAL B 230 -15.43 23.69 20.61
C VAL B 230 -16.81 24.23 20.92
N LYS B 231 -17.81 23.71 20.25
CA LYS B 231 -19.20 24.08 20.51
C LYS B 231 -20.06 22.83 20.63
N PRO B 232 -21.32 22.99 21.05
CA PRO B 232 -22.18 21.79 21.15
C PRO B 232 -22.43 21.16 19.81
N ASN B 233 -22.37 21.94 18.75
CA ASN B 233 -22.66 21.44 17.42
C ASN B 233 -21.76 20.27 17.05
N ARG B 234 -22.34 19.38 16.25
CA ARG B 234 -21.73 18.11 15.91
C ARG B 234 -21.95 17.86 14.43
N THR B 235 -20.98 17.20 13.82
CA THR B 235 -21.11 16.67 12.47
C THR B 235 -20.78 15.19 12.55
N SER B 236 -21.68 14.38 12.02
CA SER B 236 -21.45 12.96 12.05
C SER B 236 -20.29 12.61 11.14
N VAL B 237 -19.70 11.45 11.41
CA VAL B 237 -18.61 10.96 10.57
C VAL B 237 -19.07 10.84 9.11
N VAL B 238 -20.23 10.21 8.86
CA VAL B 238 -20.63 9.99 7.46
C VAL B 238 -20.85 11.33 6.77
N SER B 239 -21.47 12.28 7.48
CA SER B 239 -21.73 13.58 6.89
C SER B 239 -20.42 14.34 6.66
N PHE B 240 -19.51 14.31 7.62
CA PHE B 240 -18.19 14.90 7.41
C PHE B 240 -17.46 14.26 6.22
N ASN B 241 -17.60 12.95 6.04
CA ASN B 241 -16.86 12.31 4.96
C ASN B 241 -17.40 12.68 3.59
N GLU B 242 -18.71 12.83 3.45
CA GLU B 242 -19.25 13.43 2.24
C GLU B 242 -18.66 14.83 2.03
N TRP B 243 -18.61 15.63 3.11
CA TRP B 243 -18.06 16.97 3.00
C TRP B 243 -16.60 16.94 2.62
N ALA B 244 -15.84 16.02 3.21
CA ALA B 244 -14.40 15.99 2.98
C ALA B 244 -14.10 15.77 1.50
N LEU B 245 -14.86 14.90 0.83
CA LEU B 245 -14.64 14.64 -0.60
C LEU B 245 -14.74 15.90 -1.42
N ALA B 246 -15.50 16.89 -0.96
CA ALA B 246 -15.68 18.11 -1.74
C ALA B 246 -14.71 19.21 -1.37
N ASN B 247 -13.91 19.03 -0.32
CA ASN B 247 -13.16 20.12 0.28
C ASN B 247 -11.72 19.74 0.62
N GLN B 248 -11.15 18.77 -0.12
CA GLN B 248 -9.72 18.43 -0.08
C GLN B 248 -9.28 17.90 1.29
N PHE B 249 -10.16 17.15 1.95
CA PHE B 249 -9.84 16.43 3.17
C PHE B 249 -9.94 14.93 2.92
N THR B 250 -9.06 14.17 3.56
CA THR B 250 -9.23 12.73 3.60
C THR B 250 -10.51 12.41 4.36
N GLU B 251 -11.06 11.23 4.09
CA GLU B 251 -12.19 10.75 4.88
C GLU B 251 -11.70 10.28 6.24
N PHE B 252 -12.50 10.58 7.27
CA PHE B 252 -12.15 10.31 8.64
C PHE B 252 -12.54 8.89 9.01
N VAL B 253 -11.62 8.19 9.66
CA VAL B 253 -11.79 6.84 10.13
C VAL B 253 -11.25 6.82 11.54
N GLY B 254 -12.11 6.66 12.50
CA GLY B 254 -11.68 6.70 13.87
C GLY B 254 -10.89 5.47 14.27
N THR B 255 -10.11 5.64 15.34
CA THR B 255 -9.26 4.61 15.91
C THR B 255 -9.30 4.71 17.43
N GLN B 256 -8.88 3.63 18.08
CA GLN B 256 -8.87 3.65 19.55
C GLN B 256 -7.97 4.76 20.08
N SER B 257 -6.97 5.16 19.29
CA SER B 257 -6.10 6.26 19.72
C SER B 257 -6.87 7.58 19.76
N VAL B 258 -7.72 7.83 18.77
CA VAL B 258 -8.62 9.00 18.83
C VAL B 258 -9.62 8.87 19.99
N ASP B 259 -10.17 7.67 20.19
CA ASP B 259 -11.15 7.49 21.24
C ASP B 259 -10.59 7.82 22.61
N MET B 260 -9.30 7.50 22.84
CA MET B 260 -8.66 7.82 24.12
C MET B 260 -8.58 9.32 24.33
N LEU B 261 -8.37 10.07 23.24
CA LEU B 261 -8.37 11.54 23.32
C LEU B 261 -9.76 12.07 23.65
N ALA B 262 -10.80 11.51 23.02
CA ALA B 262 -12.17 11.91 23.30
C ALA B 262 -12.50 11.69 24.77
N VAL B 263 -12.11 10.53 25.30
CA VAL B 263 -12.43 10.22 26.69
C VAL B 263 -11.62 11.09 27.63
N LYS B 264 -10.34 11.29 27.35
CA LYS B 264 -9.56 12.12 28.26
C LYS B 264 -10.05 13.56 28.28
N THR B 265 -10.60 14.05 27.18
CA THR B 265 -10.98 15.46 27.11
C THR B 265 -12.47 15.70 27.30
N GLY B 266 -13.30 14.65 27.23
CA GLY B 266 -14.74 14.83 27.20
C GLY B 266 -15.28 15.62 26.02
N VAL B 267 -14.56 15.66 24.90
CA VAL B 267 -15.04 16.29 23.68
C VAL B 267 -15.21 15.21 22.64
N ALA B 268 -16.39 15.14 22.03
CA ALA B 268 -16.71 14.10 21.07
C ALA B 268 -16.01 14.35 19.74
N ILE B 269 -15.65 13.26 19.07
CA ILE B 269 -15.09 13.38 17.73
C ILE B 269 -15.99 14.28 16.88
N GLU B 270 -17.30 14.11 17.00
CA GLU B 270 -18.21 14.80 16.10
C GLU B 270 -18.20 16.30 16.33
N GLN B 271 -17.87 16.73 17.56
CA GLN B 271 -17.72 18.15 17.83
C GLN B 271 -16.54 18.72 17.08
N LEU B 272 -15.43 17.98 17.01
CA LEU B 272 -14.24 18.46 16.30
C LEU B 272 -14.41 18.40 14.78
N LEU B 273 -15.15 17.40 14.27
CA LEU B 273 -15.49 17.38 12.84
C LEU B 273 -16.27 18.63 12.44
N TYR B 274 -17.27 19.02 13.24
CA TYR B 274 -17.94 20.30 13.03
C TYR B 274 -16.95 21.46 13.09
N ALA B 275 -16.14 21.53 14.15
CA ALA B 275 -15.14 22.61 14.26
C ALA B 275 -14.26 22.71 13.02
N ILE B 276 -13.76 21.57 12.53
CA ILE B 276 -12.90 21.60 11.36
C ILE B 276 -13.62 22.26 10.18
N GLN B 277 -14.86 21.86 9.94
CA GLN B 277 -15.65 22.48 8.87
C GLN B 277 -15.70 23.99 9.02
N GLN B 278 -15.84 24.48 10.25
CA GLN B 278 -15.91 25.90 10.48
C GLN B 278 -14.53 26.56 10.32
N LEU B 279 -13.49 25.92 10.86
CA LEU B 279 -12.15 26.50 10.83
C LEU B 279 -11.57 26.52 9.42
N TYR B 280 -12.00 25.57 8.57
CA TYR B 280 -11.49 25.53 7.19
C TYR B 280 -11.91 26.77 6.40
N THR B 281 -13.01 27.39 6.77
CA THR B 281 -13.41 28.66 6.19
C THR B 281 -12.65 29.84 6.78
N GLY B 282 -11.75 29.62 7.75
CA GLY B 282 -10.89 30.66 8.30
C GLY B 282 -10.98 30.86 9.81
N PHE B 283 -9.87 31.23 10.43
CA PHE B 283 -9.79 31.30 11.88
C PHE B 283 -10.34 32.59 12.48
N GLN B 284 -10.76 33.56 11.67
CA GLN B 284 -11.44 34.75 12.19
C GLN B 284 -10.55 35.47 13.18
N GLY B 285 -9.29 35.66 12.79
CA GLY B 285 -8.35 36.37 13.62
C GLY B 285 -7.81 35.63 14.82
N LYS B 286 -8.25 34.40 15.07
CA LYS B 286 -7.83 33.68 16.25
C LYS B 286 -6.74 32.68 15.89
N GLN B 287 -6.26 31.99 16.92
CA GLN B 287 -5.13 31.08 16.82
C GLN B 287 -5.41 29.80 17.59
N ILE B 288 -4.81 28.71 17.12
CA ILE B 288 -4.81 27.43 17.84
C ILE B 288 -3.37 26.94 17.92
N LEU B 289 -2.86 26.80 19.14
CA LEU B 289 -1.48 26.35 19.34
C LEU B 289 -0.52 27.08 18.41
N GLY B 290 -0.66 28.40 18.41
CA GLY B 290 0.21 29.31 17.67
C GLY B 290 0.06 29.30 16.16
N SER B 291 -0.98 28.66 15.63
CA SER B 291 -1.15 28.52 14.20
C SER B 291 -2.44 29.23 13.79
N THR B 292 -2.47 29.73 12.56
CA THR B 292 -3.67 30.26 11.94
C THR B 292 -4.22 29.36 10.85
N MET B 293 -3.64 28.17 10.66
CA MET B 293 -4.23 27.22 9.73
C MET B 293 -4.17 25.82 10.35
N LEU B 294 -4.97 24.94 9.79
CA LEU B 294 -5.11 23.62 10.36
C LEU B 294 -3.78 22.89 10.21
N GLU B 295 -3.41 22.14 11.25
CA GLU B 295 -2.19 21.35 11.31
C GLU B 295 -2.55 19.87 11.18
N ASP B 296 -1.90 19.17 10.24
CA ASP B 296 -2.19 17.74 10.05
C ASP B 296 -0.94 16.88 10.11
N GLU B 297 0.16 17.41 10.65
CA GLU B 297 1.43 16.70 10.69
C GLU B 297 1.68 15.99 12.02
N PHE B 298 0.70 15.99 12.93
CA PHE B 298 0.75 15.20 14.16
C PHE B 298 -0.39 14.17 14.21
N THR B 299 -0.06 12.99 14.61
CA THR B 299 -0.99 11.86 14.65
C THR B 299 -1.65 11.73 16.02
N PRO B 300 -2.77 11.02 16.10
CA PRO B 300 -3.38 10.73 17.41
C PRO B 300 -2.39 10.07 18.39
N GLU B 301 -1.49 9.23 17.87
CA GLU B 301 -0.49 8.56 18.70
C GLU B 301 0.58 9.54 19.17
N ASP B 302 1.02 10.48 18.31
CA ASP B 302 1.90 11.57 18.77
C ASP B 302 1.29 12.30 19.96
N VAL B 303 -0.01 12.59 19.89
CA VAL B 303 -0.66 13.35 20.93
C VAL B 303 -0.78 12.51 22.20
N ASN B 304 -1.24 11.28 22.07
CA ASN B 304 -1.32 10.40 23.24
C ASN B 304 0.02 10.23 23.93
N MET B 305 1.09 10.06 23.15
CA MET B 305 2.39 9.75 23.74
C MET B 305 3.07 10.99 24.31
N GLN B 306 3.13 12.07 23.52
CA GLN B 306 3.95 13.21 23.89
C GLN B 306 3.31 14.03 24.99
N ILE B 307 1.97 14.07 25.02
CA ILE B 307 1.28 14.90 25.99
C ILE B 307 0.80 14.07 27.18
N MET B 308 0.25 12.89 26.94
CA MET B 308 -0.31 12.09 28.02
C MET B 308 0.57 10.92 28.43
N GLY B 309 1.66 10.68 27.74
CA GLY B 309 2.52 9.59 28.13
C GLY B 309 1.96 8.21 27.86
N VAL B 310 1.03 8.09 26.91
CA VAL B 310 0.28 6.85 26.67
C VAL B 310 0.75 6.19 25.38
N VAL B 311 1.03 4.88 25.44
CA VAL B 311 1.31 4.11 24.23
C VAL B 311 0.38 2.89 24.11
#